data_2VWO
#
_entry.id   2VWO
#
_cell.length_a   105.281
_cell.length_b   105.281
_cell.length_c   49.405
_cell.angle_alpha   90.00
_cell.angle_beta   90.00
_cell.angle_gamma   90.00
#
_symmetry.space_group_name_H-M   'P 43 21 2'
#
loop_
_entity.id
_entity.type
_entity.pdbx_description
1 polymer 'ACTIVATED FACTOR XA HEAVY CHAIN'
2 polymer 'FACTOR X LIGHT CHAIN'
3 non-polymer '5-CHLORO-THIOPHENE-2-CARBOXYLIC ACID ((3S,4S)-4-FLUORO- 1-{[2-FLUORO-4-(2-OXO-2H-PYRIDIN-1-YL)-PHENYLCARBAMOYL]-METHYL}-PYRROLIDIN-3-YL)-AMIDE'
4 non-polymer 'CALCIUM ION'
5 non-polymer 'SODIUM ION'
6 non-polymer 'CHLORIDE ION'
7 water water
#
loop_
_entity_poly.entity_id
_entity_poly.type
_entity_poly.pdbx_seq_one_letter_code
_entity_poly.pdbx_strand_id
1 'polypeptide(L)'
;IVGGQECKDGECPWQALLINEENEGFCGGTILSEFYILTAAHCLYQAKRFKVRVGDRNTEQEEGGEAVHEVEVVIKHNRF
TKETYDFDIAVLRLKTPITFRMNVAPACLPERDWAESTLMTQKTGIVSGFGRTHEKGEQSTRLKMLEVPYVDRNSCKLSS
SFIITQNMFCAGYDTKQEDACQGDSGGPHVTRFKDTYFVTGIVSWGEGCARKGKYGIYTKVTAFLKWIDRSMKTRGLPKA
K
;
A
2 'polypeptide(L)' RKLCSLDNGDCDQFCHEEQNSVVCSCARGYTLADNGKACIPTGPYPCGKQTLERR L
#
loop_
_chem_comp.id
_chem_comp.type
_chem_comp.name
_chem_comp.formula
CA non-polymer 'CALCIUM ION' 'Ca 2'
CL non-polymer 'CHLORIDE ION' 'Cl -1'
LZG non-polymer '5-CHLORO-THIOPHENE-2-CARBOXYLIC ACID ((3S,4S)-4-FLUORO- 1-{[2-FLUORO-4-(2-OXO-2H-PYRIDIN-1-YL)-PHENYLCARBAMOYL]-METHYL}-PYRROLIDIN-3-YL)-AMIDE' 'C22 H19 Cl F2 N4 O3 S'
NA non-polymer 'SODIUM ION' 'Na 1'
#
# COMPACT_ATOMS: atom_id res chain seq x y z
N ILE A 1 9.07 6.96 -7.09
CA ILE A 1 10.08 6.33 -6.18
C ILE A 1 11.49 6.85 -6.54
N VAL A 2 12.17 7.44 -5.56
CA VAL A 2 13.56 7.90 -5.72
C VAL A 2 14.46 6.77 -5.24
N GLY A 3 15.43 6.38 -6.06
CA GLY A 3 16.21 5.20 -5.76
C GLY A 3 15.39 3.95 -5.95
N GLY A 4 15.68 2.93 -5.15
CA GLY A 4 14.99 1.66 -5.28
C GLY A 4 15.29 0.99 -6.62
N GLN A 5 14.39 0.12 -7.06
CA GLN A 5 14.58 -0.61 -8.31
C GLN A 5 13.27 -0.89 -8.97
N GLU A 6 13.30 -1.41 -10.19
CA GLU A 6 12.08 -1.75 -10.88
C GLU A 6 11.47 -3.02 -10.32
N CYS A 7 10.15 -3.09 -10.26
CA CYS A 7 9.47 -4.34 -9.91
C CYS A 7 9.51 -5.29 -11.09
N LYS A 8 9.99 -6.49 -10.86
CA LYS A 8 9.96 -7.51 -11.92
C LYS A 8 8.57 -8.12 -12.04
N ASP A 9 8.36 -8.92 -13.09
CA ASP A 9 7.10 -9.63 -13.25
C ASP A 9 6.71 -10.31 -11.97
N GLY A 10 5.49 -10.04 -11.49
CA GLY A 10 4.92 -10.76 -10.37
C GLY A 10 5.37 -10.27 -8.99
N GLU A 11 6.29 -9.31 -8.95
CA GLU A 11 6.92 -8.91 -7.68
C GLU A 11 6.08 -7.93 -6.86
N CYS A 12 5.28 -7.11 -7.54
CA CYS A 12 4.47 -6.10 -6.87
C CYS A 12 3.03 -6.19 -7.41
N PRO A 13 2.39 -7.35 -7.24
CA PRO A 13 1.15 -7.59 -7.99
C PRO A 13 -0.08 -6.88 -7.42
N TRP A 14 0.06 -6.34 -6.21
CA TRP A 14 -1.03 -5.62 -5.53
C TRP A 14 -1.05 -4.14 -5.90
N GLN A 15 -0.11 -3.69 -6.72
CA GLN A 15 -0.09 -2.27 -7.11
C GLN A 15 -1.27 -1.96 -8.02
N ALA A 16 -1.96 -0.87 -7.73
CA ALA A 16 -2.91 -0.29 -8.66
C ALA A 16 -2.46 1.14 -9.03
N LEU A 17 -2.92 1.64 -10.18
CA LEU A 17 -2.57 2.98 -10.60
C LEU A 17 -3.86 3.71 -10.91
N LEU A 18 -4.04 4.87 -10.30
CA LEU A 18 -5.20 5.72 -10.60
C LEU A 18 -4.83 6.63 -11.77
N ILE A 19 -5.67 6.60 -12.81
CA ILE A 19 -5.39 7.37 -14.02
C ILE A 19 -6.46 8.44 -14.24
N ASN A 20 -6.02 9.63 -14.63
CA ASN A 20 -6.93 10.76 -14.75
C ASN A 20 -7.52 10.87 -16.15
N GLU A 21 -8.24 11.94 -16.43
CA GLU A 21 -8.91 12.05 -17.72
C GLU A 21 -7.93 12.11 -18.90
N GLU A 22 -6.66 12.28 -18.60
CA GLU A 22 -5.60 12.25 -19.62
C GLU A 22 -4.98 10.88 -19.78
N ASN A 23 -5.56 9.91 -19.09
CA ASN A 23 -5.03 8.56 -19.09
C ASN A 23 -3.62 8.54 -18.51
N GLU A 24 -3.28 9.54 -17.69
CA GLU A 24 -2.01 9.52 -16.98
C GLU A 24 -2.14 9.21 -15.49
N GLY A 25 -1.17 8.47 -14.96
CA GLY A 25 -1.19 8.12 -13.54
C GLY A 25 -0.94 9.34 -12.68
N PHE A 26 -1.65 9.44 -11.56
CA PHE A 26 -1.43 10.55 -10.63
C PHE A 26 -1.33 10.07 -9.18
N CYS A 27 -1.71 8.83 -8.93
CA CYS A 27 -1.64 8.27 -7.57
C CYS A 27 -1.66 6.77 -7.67
N GLY A 28 -1.18 6.13 -6.62
CA GLY A 28 -1.31 4.70 -6.53
C GLY A 28 -2.51 4.19 -5.73
N GLY A 29 -2.62 2.87 -5.69
CA GLY A 29 -3.58 2.17 -4.83
C GLY A 29 -3.08 0.76 -4.53
N THR A 30 -3.78 0.08 -3.62
CA THR A 30 -3.43 -1.30 -3.24
C THR A 30 -4.64 -2.19 -3.49
N ILE A 31 -4.45 -3.26 -4.27
CA ILE A 31 -5.56 -4.20 -4.47
C ILE A 31 -5.83 -4.95 -3.17
N LEU A 32 -7.08 -4.88 -2.67
CA LEU A 32 -7.47 -5.59 -1.44
C LEU A 32 -8.25 -6.86 -1.74
N SER A 33 -8.98 -6.83 -2.84
CA SER A 33 -9.84 -7.93 -3.20
C SER A 33 -10.28 -7.72 -4.64
N GLU A 34 -11.14 -8.62 -5.11
CA GLU A 34 -11.64 -8.50 -6.46
C GLU A 34 -12.33 -7.15 -6.74
N PHE A 35 -12.98 -6.59 -5.72
CA PHE A 35 -13.76 -5.38 -5.96
C PHE A 35 -13.21 -4.14 -5.25
N TYR A 36 -12.20 -4.29 -4.41
CA TYR A 36 -11.76 -3.14 -3.61
C TYR A 36 -10.29 -2.74 -3.74
N ILE A 37 -10.07 -1.43 -3.85
CA ILE A 37 -8.76 -0.83 -3.91
C ILE A 37 -8.63 0.12 -2.73
N LEU A 38 -7.48 0.06 -2.05
CA LEU A 38 -7.14 0.99 -0.96
C LEU A 38 -6.31 2.11 -1.53
N THR A 39 -6.66 3.35 -1.18
CA THR A 39 -5.88 4.47 -1.63
C THR A 39 -5.85 5.59 -0.56
N ALA A 40 -5.27 6.74 -0.89
CA ALA A 40 -5.23 7.88 0.05
C ALA A 40 -6.42 8.79 -0.22
N ALA A 41 -7.08 9.24 0.83
CA ALA A 41 -8.13 10.23 0.62
C ALA A 41 -7.69 11.47 -0.17
N HIS A 42 -6.47 11.94 0.06
CA HIS A 42 -6.02 13.17 -0.62
C HIS A 42 -5.93 13.02 -2.14
N CYS A 43 -5.84 11.78 -2.62
CA CYS A 43 -5.76 11.52 -4.07
C CYS A 43 -7.08 11.84 -4.75
N LEU A 44 -8.16 11.70 -4.00
CA LEU A 44 -9.49 11.87 -4.60
C LEU A 44 -9.69 13.29 -5.06
N TYR A 45 -8.94 14.22 -4.47
CA TYR A 45 -9.06 15.65 -4.79
C TYR A 45 -8.30 16.03 -6.06
N GLN A 46 -7.42 15.14 -6.50
CA GLN A 46 -6.40 15.54 -7.46
C GLN A 46 -6.66 15.11 -8.91
N ALA A 47 -7.89 14.70 -9.20
CA ALA A 47 -8.32 14.45 -10.58
C ALA A 47 -9.78 14.80 -10.69
N LYS A 48 -10.23 15.26 -11.85
CA LYS A 48 -11.66 15.54 -11.98
C LYS A 48 -12.47 14.24 -11.88
N ARG A 49 -12.01 13.22 -12.60
CA ARG A 49 -12.59 11.88 -12.60
C ARG A 49 -11.42 10.95 -12.84
N PHE A 50 -11.52 9.70 -12.42
CA PHE A 50 -10.41 8.78 -12.62
C PHE A 50 -10.86 7.32 -12.72
N LYS A 51 -9.99 6.49 -13.27
CA LYS A 51 -10.18 5.04 -13.34
C LYS A 51 -8.99 4.32 -12.73
N VAL A 52 -9.04 2.99 -12.68
CA VAL A 52 -7.96 2.21 -12.06
C VAL A 52 -7.34 1.28 -13.07
N ARG A 53 -6.00 1.28 -13.18
CA ARG A 53 -5.33 0.33 -14.05
C ARG A 53 -4.62 -0.67 -13.14
N VAL A 54 -4.78 -1.95 -13.42
CA VAL A 54 -4.05 -2.98 -12.70
C VAL A 54 -3.15 -3.72 -13.68
N GLY A 55 -2.11 -4.36 -13.16
CA GLY A 55 -1.25 -5.18 -14.00
C GLY A 55 -0.20 -4.46 -14.83
N ASP A 56 -0.12 -3.14 -14.72
CA ASP A 56 0.85 -2.36 -15.51
C ASP A 56 2.22 -2.28 -14.84
N ARG A 57 3.29 -2.45 -15.61
CA ARG A 57 4.63 -2.24 -15.09
C ARG A 57 5.40 -1.21 -15.90
N ASN A 58 4.84 -0.85 -17.05
CA ASN A 58 5.51 0.11 -17.92
C ASN A 58 4.46 0.96 -18.59
N THR A 59 4.33 2.23 -18.22
CA THR A 59 3.24 3.03 -18.76
C THR A 59 3.42 3.43 -20.24
N GLU A 60 4.56 3.09 -20.82
CA GLU A 60 4.79 3.40 -22.23
C GLU A 60 4.61 2.18 -23.15
N GLN A 61 4.29 1.02 -22.59
CA GLN A 61 4.10 -0.18 -23.41
C GLN A 61 2.87 -0.95 -22.98
N GLU A 62 1.99 -1.33 -23.88
CA GLU A 62 0.87 -2.13 -23.45
C GLU A 62 1.31 -3.57 -23.28
N GLU A 63 1.23 -4.07 -22.05
CA GLU A 63 1.73 -5.41 -21.77
C GLU A 63 0.59 -6.34 -21.42
N GLY A 64 0.80 -7.63 -21.68
CA GLY A 64 -0.17 -8.64 -21.34
C GLY A 64 -0.50 -8.50 -19.87
N GLY A 65 -1.79 -8.52 -19.56
CA GLY A 65 -2.22 -8.53 -18.16
C GLY A 65 -2.72 -7.20 -17.63
N GLU A 66 -2.46 -6.12 -18.35
CA GLU A 66 -3.05 -4.84 -17.98
C GLU A 66 -4.55 -4.82 -18.17
N ALA A 67 -5.25 -4.22 -17.21
CA ALA A 67 -6.68 -4.07 -17.34
C ALA A 67 -7.12 -2.77 -16.69
N VAL A 68 -8.19 -2.21 -17.21
CA VAL A 68 -8.74 -0.97 -16.70
C VAL A 68 -10.10 -1.21 -16.04
N HIS A 69 -10.31 -0.57 -14.90
CA HIS A 69 -11.54 -0.75 -14.15
C HIS A 69 -12.10 0.62 -13.77
N GLU A 70 -13.40 0.79 -13.94
CA GLU A 70 -14.07 1.98 -13.48
C GLU A 70 -14.49 1.81 -12.03
N VAL A 71 -14.61 2.94 -11.35
CA VAL A 71 -14.96 3.00 -9.94
C VAL A 71 -16.47 3.22 -9.77
N GLU A 72 -17.11 2.33 -9.00
CA GLU A 72 -18.55 2.43 -8.74
C GLU A 72 -18.82 3.36 -7.58
N VAL A 73 -18.03 3.21 -6.51
CA VAL A 73 -18.29 3.95 -5.29
C VAL A 73 -16.96 4.36 -4.68
N VAL A 74 -16.87 5.60 -4.22
CA VAL A 74 -15.70 6.04 -3.47
C VAL A 74 -16.10 6.17 -2.00
N ILE A 75 -15.33 5.54 -1.12
CA ILE A 75 -15.55 5.68 0.31
C ILE A 75 -14.38 6.42 0.93
N LYS A 76 -14.54 7.72 1.18
N LYS A 76 -14.56 7.71 1.18
CA LYS A 76 -13.47 8.58 1.71
CA LYS A 76 -13.49 8.53 1.74
C LYS A 76 -13.66 8.77 3.22
C LYS A 76 -13.69 8.60 3.25
N HIS A 77 -12.62 8.55 4.03
CA HIS A 77 -12.77 8.78 5.46
C HIS A 77 -13.36 10.19 5.72
N ASN A 78 -14.42 10.23 6.51
N ASN A 78 -14.44 10.26 6.48
CA ASN A 78 -15.13 11.46 6.80
CA ASN A 78 -15.09 11.53 6.71
C ASN A 78 -14.35 12.47 7.64
C ASN A 78 -14.19 12.54 7.42
N ARG A 79 -13.22 12.05 8.19
CA ARG A 79 -12.37 12.95 8.97
C ARG A 79 -11.14 13.45 8.26
N PHE A 80 -10.90 12.98 7.05
CA PHE A 80 -9.77 13.50 6.31
C PHE A 80 -9.91 15.01 6.06
N THR A 81 -8.81 15.74 6.23
CA THR A 81 -8.74 17.13 5.81
C THR A 81 -7.31 17.47 5.41
N LYS A 82 -7.14 18.32 4.41
CA LYS A 82 -5.81 18.77 4.01
C LYS A 82 -5.15 19.65 5.05
N GLU A 83 -5.93 20.17 5.99
CA GLU A 83 -5.33 20.94 7.08
C GLU A 83 -4.30 20.13 7.88
N THR A 84 -4.60 18.85 8.09
CA THR A 84 -3.75 17.99 8.90
C THR A 84 -3.19 16.80 8.14
N TYR A 85 -3.78 16.48 6.99
CA TYR A 85 -3.52 15.20 6.30
C TYR A 85 -3.80 13.96 7.16
N ASP A 86 -4.52 14.14 8.25
CA ASP A 86 -4.88 13.03 9.11
C ASP A 86 -6.02 12.23 8.46
N PHE A 87 -6.15 10.96 8.83
CA PHE A 87 -7.19 10.08 8.30
C PHE A 87 -7.08 9.99 6.78
N ASP A 88 -5.86 9.84 6.27
CA ASP A 88 -5.64 9.87 4.81
C ASP A 88 -5.86 8.49 4.17
N ILE A 89 -7.13 8.14 4.06
CA ILE A 89 -7.52 6.80 3.64
C ILE A 89 -8.84 6.84 2.90
N ALA A 90 -8.92 6.03 1.84
CA ALA A 90 -10.17 5.84 1.14
C ALA A 90 -10.17 4.44 0.56
N VAL A 91 -11.39 3.92 0.35
CA VAL A 91 -11.54 2.65 -0.34
C VAL A 91 -12.38 2.86 -1.59
N LEU A 92 -11.97 2.24 -2.69
CA LEU A 92 -12.71 2.31 -3.95
C LEU A 92 -13.38 0.98 -4.21
N ARG A 93 -14.69 0.98 -4.47
CA ARG A 93 -15.35 -0.23 -4.95
C ARG A 93 -15.45 -0.16 -6.45
N LEU A 94 -14.95 -1.18 -7.13
CA LEU A 94 -14.94 -1.20 -8.59
C LEU A 94 -16.29 -1.66 -9.16
N LYS A 95 -16.60 -1.22 -10.37
CA LYS A 95 -17.83 -1.67 -11.07
C LYS A 95 -17.79 -3.17 -11.37
N THR A 96 -16.63 -3.66 -11.78
CA THR A 96 -16.48 -5.06 -12.16
C THR A 96 -15.33 -5.67 -11.41
N PRO A 97 -15.39 -6.99 -11.19
CA PRO A 97 -14.31 -7.63 -10.44
C PRO A 97 -12.99 -7.82 -11.19
N ILE A 98 -11.90 -7.63 -10.47
CA ILE A 98 -10.57 -7.88 -11.00
C ILE A 98 -10.33 -9.35 -11.16
N THR A 99 -9.77 -9.75 -12.30
CA THR A 99 -9.29 -11.10 -12.51
C THR A 99 -7.84 -11.22 -12.06
N PHE A 100 -7.61 -12.02 -11.03
CA PHE A 100 -6.23 -12.16 -10.55
C PHE A 100 -5.44 -12.97 -11.57
N ARG A 101 -4.18 -12.58 -11.73
CA ARG A 101 -3.31 -13.24 -12.68
C ARG A 101 -1.90 -12.83 -12.36
N MET A 102 -0.97 -13.18 -13.23
CA MET A 102 0.40 -12.72 -13.08
C MET A 102 0.36 -11.20 -13.03
N ASN A 103 0.97 -10.64 -11.98
N ASN A 103 0.93 -10.67 -11.95
CA ASN A 103 1.04 -9.18 -11.79
CA ASN A 103 1.05 -9.25 -11.73
C ASN A 103 -0.23 -8.55 -11.25
C ASN A 103 -0.23 -8.56 -11.27
N VAL A 104 -1.23 -9.35 -10.92
CA VAL A 104 -2.48 -8.82 -10.37
C VAL A 104 -2.98 -9.72 -9.24
N ALA A 105 -2.70 -9.36 -7.99
CA ALA A 105 -3.16 -10.16 -6.86
C ALA A 105 -3.24 -9.22 -5.64
N PRO A 106 -4.09 -9.56 -4.67
CA PRO A 106 -4.28 -8.67 -3.52
C PRO A 106 -3.16 -8.77 -2.52
N ALA A 107 -2.99 -7.71 -1.74
CA ALA A 107 -2.12 -7.76 -0.56
C ALA A 107 -3.00 -8.21 0.60
N CYS A 108 -2.43 -8.90 1.59
CA CYS A 108 -3.26 -9.37 2.70
C CYS A 108 -3.57 -8.26 3.72
N LEU A 109 -4.78 -8.26 4.25
CA LEU A 109 -5.10 -7.38 5.38
C LEU A 109 -4.78 -8.14 6.65
N PRO A 110 -3.95 -7.55 7.52
CA PRO A 110 -3.64 -8.22 8.78
C PRO A 110 -4.75 -8.04 9.79
N GLU A 111 -4.73 -8.86 10.84
CA GLU A 111 -5.62 -8.69 11.98
C GLU A 111 -4.97 -7.70 12.95
N ARG A 112 -5.77 -6.87 13.60
CA ARG A 112 -5.25 -5.62 14.19
C ARG A 112 -4.20 -5.79 15.29
N ASP A 113 -4.59 -6.40 16.40
CA ASP A 113 -3.70 -6.51 17.56
C ASP A 113 -2.43 -7.25 17.15
N TRP A 114 -2.61 -8.33 16.41
CA TRP A 114 -1.50 -9.09 15.89
C TRP A 114 -0.62 -8.19 15.05
N ALA A 115 -1.24 -7.35 14.22
CA ALA A 115 -0.44 -6.50 13.32
C ALA A 115 0.44 -5.52 14.09
N GLU A 116 -0.11 -4.92 15.15
CA GLU A 116 0.66 -3.94 15.93
C GLU A 116 1.92 -4.56 16.55
N SER A 117 1.78 -5.75 17.13
CA SER A 117 2.91 -6.36 17.80
C SER A 117 3.85 -7.09 16.84
N THR A 118 3.30 -7.55 15.72
CA THR A 118 4.04 -8.44 14.83
C THR A 118 4.49 -7.78 13.52
N LEU A 119 3.65 -6.94 12.94
CA LEU A 119 4.05 -6.30 11.69
C LEU A 119 4.75 -4.96 11.92
N MET A 120 4.16 -4.14 12.78
CA MET A 120 4.70 -2.79 12.96
C MET A 120 6.07 -2.82 13.64
N THR A 121 6.46 -3.98 14.16
CA THR A 121 7.77 -4.15 14.83
C THR A 121 8.87 -4.71 13.92
N GLN A 122 8.53 -5.07 12.68
CA GLN A 122 9.52 -5.52 11.71
C GLN A 122 10.50 -4.39 11.36
N LYS A 123 11.65 -4.73 10.80
CA LYS A 123 12.64 -3.71 10.51
C LYS A 123 12.23 -2.84 9.34
N THR A 124 11.64 -3.46 8.31
CA THR A 124 11.39 -2.73 7.07
C THR A 124 10.07 -3.13 6.45
N GLY A 125 9.64 -2.28 5.50
CA GLY A 125 8.52 -2.58 4.61
C GLY A 125 8.94 -2.24 3.19
N ILE A 126 8.04 -2.46 2.24
CA ILE A 126 8.27 -2.17 0.84
C ILE A 126 7.22 -1.20 0.31
N VAL A 127 7.67 -0.08 -0.26
CA VAL A 127 6.76 0.87 -0.90
C VAL A 127 6.95 0.77 -2.42
N SER A 128 5.89 0.99 -3.18
CA SER A 128 6.02 0.88 -4.65
C SER A 128 5.18 1.96 -5.34
N GLY A 129 5.51 2.25 -6.59
CA GLY A 129 4.70 3.17 -7.35
C GLY A 129 5.36 3.66 -8.63
N PHE A 130 4.61 4.47 -9.36
CA PHE A 130 5.05 5.10 -10.60
C PHE A 130 5.42 6.55 -10.44
N GLY A 131 5.73 6.97 -9.21
CA GLY A 131 5.99 8.38 -8.97
C GLY A 131 7.31 8.88 -9.51
N ARG A 132 7.57 10.17 -9.28
CA ARG A 132 8.80 10.82 -9.71
C ARG A 132 10.04 10.09 -9.19
N THR A 133 11.11 10.14 -9.97
CA THR A 133 12.33 9.43 -9.62
C THR A 133 13.30 10.38 -8.94
N HIS A 134 12.91 11.66 -8.88
CA HIS A 134 13.64 12.68 -8.17
C HIS A 134 12.65 13.76 -7.79
N GLU A 135 12.94 14.49 -6.72
CA GLU A 135 11.98 15.48 -6.26
C GLU A 135 11.44 16.35 -7.39
N LYS A 136 12.33 16.88 -8.23
CA LYS A 136 11.87 17.85 -9.21
C LYS A 136 11.74 17.23 -10.60
N GLY A 137 11.80 15.90 -10.64
CA GLY A 137 11.91 15.17 -11.89
C GLY A 137 10.60 14.62 -12.42
N GLU A 138 10.70 13.70 -13.36
CA GLU A 138 9.51 13.17 -14.03
C GLU A 138 9.03 11.89 -13.38
N GLN A 139 7.77 11.58 -13.61
CA GLN A 139 7.25 10.32 -13.13
C GLN A 139 7.91 9.19 -13.85
N SER A 140 8.13 8.12 -13.12
CA SER A 140 8.72 6.93 -13.67
C SER A 140 7.80 6.29 -14.71
N THR A 141 8.34 5.83 -15.83
CA THR A 141 7.47 5.09 -16.74
C THR A 141 7.42 3.62 -16.31
N ARG A 142 8.30 3.24 -15.38
CA ARG A 142 8.35 1.87 -14.89
C ARG A 142 7.92 1.77 -13.43
N LEU A 143 7.20 0.69 -13.09
CA LEU A 143 6.80 0.46 -11.69
C LEU A 143 8.06 0.20 -10.89
N LYS A 144 8.24 0.95 -9.81
CA LYS A 144 9.40 0.80 -8.92
C LYS A 144 8.98 0.38 -7.51
N MET A 145 9.94 -0.21 -6.79
CA MET A 145 9.74 -0.58 -5.39
C MET A 145 10.97 -0.13 -4.63
N LEU A 146 10.80 0.00 -3.32
CA LEU A 146 11.90 0.42 -2.46
C LEU A 146 11.69 -0.15 -1.07
N GLU A 147 12.75 -0.74 -0.51
CA GLU A 147 12.69 -1.18 0.89
C GLU A 147 12.92 0.03 1.78
N VAL A 148 12.00 0.30 2.70
CA VAL A 148 12.17 1.44 3.60
C VAL A 148 12.09 0.96 5.04
N PRO A 149 13.10 1.33 5.85
CA PRO A 149 13.08 1.03 7.29
C PRO A 149 11.92 1.74 8.02
N TYR A 150 11.26 1.05 8.95
CA TYR A 150 10.40 1.74 9.90
C TYR A 150 11.25 2.70 10.69
N VAL A 151 10.72 3.90 10.92
CA VAL A 151 11.46 4.94 11.63
C VAL A 151 10.74 5.22 12.94
N ASP A 152 11.52 5.38 14.02
CA ASP A 152 10.96 5.67 15.33
C ASP A 152 10.08 6.93 15.28
N ARG A 153 8.91 6.84 15.89
CA ARG A 153 7.94 7.92 15.85
C ARG A 153 8.50 9.20 16.45
N ASN A 154 9.31 9.08 17.48
CA ASN A 154 9.83 10.28 18.09
C ASN A 154 10.89 10.96 17.24
N SER A 155 11.80 10.19 16.65
CA SER A 155 12.76 10.75 15.71
C SER A 155 11.98 11.39 14.58
N CYS A 156 10.90 10.75 14.16
CA CYS A 156 10.14 11.31 13.04
C CYS A 156 9.50 12.65 13.41
N LYS A 157 8.89 12.71 14.58
CA LYS A 157 8.29 13.97 15.02
C LYS A 157 9.33 15.10 15.09
N LEU A 158 10.50 14.78 15.62
CA LEU A 158 11.58 15.76 15.71
C LEU A 158 11.98 16.31 14.37
N SER A 159 11.92 15.45 13.34
CA SER A 159 12.39 15.82 11.99
C SER A 159 11.34 16.61 11.22
N SER A 160 10.10 16.53 11.70
CA SER A 160 8.96 16.99 10.88
C SER A 160 8.48 18.39 11.18
N SER A 161 8.18 19.15 10.12
CA SER A 161 7.59 20.49 10.27
C SER A 161 6.15 20.40 10.67
N PHE A 162 5.52 19.24 10.45
CA PHE A 162 4.10 19.07 10.67
C PHE A 162 3.81 17.98 11.70
N ILE A 163 2.61 18.02 12.26
CA ILE A 163 2.22 17.07 13.30
C ILE A 163 2.09 15.66 12.72
N ILE A 164 2.73 14.70 13.37
CA ILE A 164 2.55 13.28 13.06
C ILE A 164 1.51 12.73 14.03
N THR A 165 0.41 12.21 13.49
CA THR A 165 -0.69 11.68 14.30
C THR A 165 -0.58 10.18 14.51
N GLN A 166 -1.39 9.66 15.42
CA GLN A 166 -1.46 8.25 15.68
C GLN A 166 -1.94 7.46 14.46
N ASN A 167 -2.50 8.17 13.47
CA ASN A 167 -2.99 7.49 12.26
C ASN A 167 -1.93 7.47 11.16
N MET A 168 -0.71 7.86 11.52
CA MET A 168 0.43 7.91 10.61
C MET A 168 1.58 7.13 11.19
N PHE A 169 2.48 6.72 10.31
CA PHE A 169 3.81 6.28 10.72
C PHE A 169 4.86 6.71 9.72
N CYS A 170 6.11 6.64 10.12
CA CYS A 170 7.20 7.15 9.32
C CYS A 170 8.10 6.01 8.87
N ALA A 171 8.63 6.15 7.67
CA ALA A 171 9.54 5.14 7.15
C ALA A 171 10.49 5.77 6.14
N GLY A 172 11.66 5.14 5.99
CA GLY A 172 12.63 5.64 5.04
C GLY A 172 13.96 5.93 5.69
N TYR A 173 14.66 6.92 5.17
CA TYR A 173 16.05 7.20 5.54
C TYR A 173 16.28 8.66 5.82
N ASP A 174 17.14 8.90 6.82
CA ASP A 174 17.54 10.23 7.21
C ASP A 174 18.20 10.95 6.04
N THR A 175 19.31 10.41 5.54
CA THR A 175 20.07 11.07 4.46
C THR A 175 20.27 10.27 3.17
N LYS A 176 20.14 8.95 3.22
CA LYS A 176 20.24 8.13 2.01
C LYS A 176 19.17 8.59 1.02
N GLN A 177 19.54 8.71 -0.24
CA GLN A 177 18.68 9.31 -1.25
C GLN A 177 17.73 8.29 -1.87
N GLU A 178 16.82 7.81 -1.03
CA GLU A 178 15.77 6.89 -1.40
C GLU A 178 14.50 7.21 -0.64
N ASP A 179 13.38 7.28 -1.34
CA ASP A 179 12.12 7.66 -0.72
C ASP A 179 11.02 7.47 -1.75
N ALA A 180 9.77 7.49 -1.29
CA ALA A 180 8.66 7.64 -2.22
C ALA A 180 8.62 9.11 -2.67
N CYS A 181 7.80 9.42 -3.67
CA CYS A 181 7.77 10.78 -4.19
C CYS A 181 6.42 11.10 -4.85
N GLN A 182 6.33 12.30 -5.41
CA GLN A 182 5.08 12.74 -6.03
C GLN A 182 4.64 11.71 -7.05
N GLY A 183 3.37 11.31 -6.96
CA GLY A 183 2.83 10.29 -7.85
C GLY A 183 2.74 8.92 -7.22
N ASP A 184 3.48 8.70 -6.13
CA ASP A 184 3.40 7.45 -5.39
C ASP A 184 2.30 7.44 -4.34
N SER A 185 1.80 8.62 -3.97
N SER A 185 1.82 8.60 -3.95
CA SER A 185 0.75 8.76 -2.95
CA SER A 185 0.86 8.66 -2.85
C SER A 185 -0.40 7.81 -3.22
C SER A 185 -0.37 7.82 -3.19
N GLY A 186 -0.94 7.22 -2.17
CA GLY A 186 -2.09 6.33 -2.35
C GLY A 186 -1.67 4.89 -2.49
N GLY A 187 -0.42 4.67 -2.86
CA GLY A 187 0.10 3.34 -3.17
C GLY A 187 0.43 2.49 -1.96
N PRO A 188 0.91 1.29 -2.21
CA PRO A 188 1.10 0.31 -1.11
C PRO A 188 2.39 0.49 -0.34
N HIS A 189 2.27 0.30 0.98
CA HIS A 189 3.40 -0.02 1.83
C HIS A 189 3.03 -1.38 2.42
N VAL A 190 3.83 -2.39 2.13
CA VAL A 190 3.57 -3.74 2.60
C VAL A 190 4.72 -4.25 3.48
N THR A 191 4.40 -5.11 4.42
CA THR A 191 5.40 -5.67 5.32
C THR A 191 5.33 -7.19 5.20
N ARG A 192 6.49 -7.79 5.01
CA ARG A 192 6.57 -9.25 4.89
C ARG A 192 6.64 -9.88 6.27
N PHE A 193 5.85 -10.93 6.49
CA PHE A 193 5.98 -11.74 7.70
C PHE A 193 5.92 -13.19 7.26
N LYS A 194 7.01 -13.93 7.43
CA LYS A 194 7.06 -15.35 7.05
C LYS A 194 6.45 -15.68 5.67
N ASP A 195 7.04 -15.16 4.60
CA ASP A 195 6.56 -15.52 3.26
C ASP A 195 5.26 -14.85 2.79
N THR A 196 4.65 -13.99 3.60
CA THR A 196 3.40 -13.34 3.16
C THR A 196 3.52 -11.83 3.33
N TYR A 197 3.03 -11.09 2.33
CA TYR A 197 3.04 -9.61 2.41
C TYR A 197 1.71 -9.06 2.87
N PHE A 198 1.72 -8.20 3.89
CA PHE A 198 0.51 -7.63 4.43
C PHE A 198 0.53 -6.12 4.20
N VAL A 199 -0.60 -5.54 3.87
CA VAL A 199 -0.60 -4.09 3.65
C VAL A 199 -0.59 -3.40 5.02
N THR A 200 0.41 -2.55 5.21
CA THR A 200 0.62 -1.89 6.49
C THR A 200 0.55 -0.38 6.38
N GLY A 201 0.72 0.15 5.18
CA GLY A 201 0.71 1.59 4.99
C GLY A 201 0.10 2.04 3.67
N ILE A 202 -0.32 3.30 3.63
CA ILE A 202 -0.71 3.96 2.40
C ILE A 202 0.28 5.12 2.24
N VAL A 203 0.94 5.22 1.09
CA VAL A 203 1.85 6.35 0.88
C VAL A 203 1.03 7.64 1.03
N SER A 204 1.44 8.52 1.95
CA SER A 204 0.62 9.69 2.27
C SER A 204 1.29 11.00 1.94
N TRP A 205 2.43 11.30 2.55
CA TRP A 205 3.07 12.58 2.28
C TRP A 205 4.52 12.65 2.71
N GLY A 206 5.20 13.69 2.26
CA GLY A 206 6.58 13.96 2.63
C GLY A 206 6.90 15.41 2.31
N GLU A 207 7.87 15.94 3.06
CA GLU A 207 8.40 17.27 2.79
C GLU A 207 9.43 17.15 1.68
N GLY A 208 8.99 17.34 0.44
CA GLY A 208 9.83 17.00 -0.69
C GLY A 208 9.93 15.49 -0.86
N CYS A 209 11.05 15.04 -1.44
CA CYS A 209 11.34 13.61 -1.59
C CYS A 209 12.81 13.34 -1.27
N ALA A 210 13.06 12.40 -0.38
CA ALA A 210 14.42 11.97 -0.04
C ALA A 210 15.26 13.12 0.48
N ARG A 211 14.62 14.11 1.12
CA ARG A 211 15.38 15.20 1.73
C ARG A 211 16.15 14.73 2.96
N LYS A 212 17.34 15.31 3.10
CA LYS A 212 18.14 15.05 4.28
C LYS A 212 17.40 15.52 5.52
N GLY A 213 17.26 14.62 6.49
CA GLY A 213 16.61 14.94 7.75
C GLY A 213 15.11 14.87 7.68
N LYS A 214 14.58 14.30 6.59
N LYS A 214 14.59 14.30 6.59
CA LYS A 214 13.15 14.11 6.45
CA LYS A 214 13.15 14.10 6.46
C LYS A 214 12.85 12.67 6.07
C LYS A 214 12.87 12.65 6.10
N TYR A 215 11.69 12.19 6.51
CA TYR A 215 11.24 10.82 6.23
C TYR A 215 9.97 10.79 5.40
N GLY A 216 9.58 9.60 4.98
CA GLY A 216 8.29 9.45 4.31
C GLY A 216 7.21 9.16 5.35
N ILE A 217 6.03 9.71 5.12
CA ILE A 217 4.91 9.56 6.04
C ILE A 217 3.78 8.76 5.39
N TYR A 218 3.30 7.76 6.13
CA TYR A 218 2.36 6.75 5.65
C TYR A 218 1.14 6.72 6.53
N THR A 219 -0.04 6.51 5.92
CA THR A 219 -1.24 6.24 6.72
C THR A 219 -1.07 4.87 7.37
N LYS A 220 -1.36 4.82 8.67
CA LYS A 220 -1.18 3.58 9.43
C LYS A 220 -2.41 2.69 9.27
N VAL A 221 -2.30 1.70 8.39
CA VAL A 221 -3.43 0.86 8.07
C VAL A 221 -3.98 0.12 9.31
N THR A 222 -3.11 -0.28 10.24
CA THR A 222 -3.64 -0.93 11.45
C THR A 222 -4.62 -0.06 12.24
N ALA A 223 -4.50 1.27 12.15
CA ALA A 223 -5.44 2.17 12.80
C ALA A 223 -6.85 2.15 12.21
N PHE A 224 -7.00 1.53 11.02
CA PHE A 224 -8.22 1.57 10.25
C PHE A 224 -8.75 0.19 9.84
N LEU A 225 -8.32 -0.87 10.51
CA LEU A 225 -8.74 -2.22 10.07
C LEU A 225 -10.25 -2.40 10.14
N LYS A 226 -10.87 -1.93 11.22
CA LYS A 226 -12.33 -2.00 11.35
C LYS A 226 -13.03 -1.15 10.29
N TRP A 227 -12.50 0.06 10.07
CA TRP A 227 -13.06 0.98 9.08
C TRP A 227 -13.01 0.36 7.67
N ILE A 228 -11.89 -0.25 7.36
CA ILE A 228 -11.72 -0.88 6.06
C ILE A 228 -12.69 -2.05 5.92
N ASP A 229 -12.82 -2.85 6.99
CA ASP A 229 -13.76 -3.98 6.96
C ASP A 229 -15.19 -3.53 6.71
N ARG A 230 -15.61 -2.46 7.40
N ARG A 230 -15.61 -2.47 7.40
CA ARG A 230 -16.95 -1.93 7.21
CA ARG A 230 -16.95 -1.94 7.20
C ARG A 230 -17.15 -1.39 5.80
C ARG A 230 -17.13 -1.43 5.78
N SER A 231 -16.14 -0.68 5.30
CA SER A 231 -16.19 -0.17 3.92
C SER A 231 -16.32 -1.27 2.87
N MET A 232 -15.68 -2.41 3.10
CA MET A 232 -15.69 -3.48 2.09
C MET A 232 -16.98 -4.28 2.19
N LYS A 233 -17.80 -4.00 3.20
CA LYS A 233 -19.07 -4.70 3.34
C LYS A 233 -20.25 -3.81 2.98
N THR A 234 -19.97 -2.57 2.63
CA THR A 234 -21.03 -1.60 2.39
C THR A 234 -21.70 -1.80 1.03
N ARG A 235 -22.92 -1.68 0.90
N LEU B 3 1.50 -18.72 24.02
CA LEU B 3 1.69 -17.28 23.67
C LEU B 3 2.16 -17.10 22.23
N CYS B 4 1.51 -16.17 21.53
CA CYS B 4 1.98 -15.74 20.23
C CYS B 4 3.22 -14.91 20.51
N SER B 5 3.43 -14.63 21.79
CA SER B 5 4.57 -13.84 22.22
C SER B 5 5.89 -14.43 21.72
N LEU B 6 5.92 -15.74 21.55
CA LEU B 6 7.14 -16.42 21.10
C LEU B 6 6.89 -17.27 19.87
N ASP B 7 7.48 -16.87 18.75
CA ASP B 7 7.34 -17.61 17.50
C ASP B 7 5.91 -17.55 16.96
N ASN B 8 5.17 -16.53 17.37
CA ASN B 8 3.84 -16.33 16.80
C ASN B 8 2.96 -17.51 17.13
N GLY B 9 3.32 -18.21 18.21
CA GLY B 9 2.66 -19.47 18.54
C GLY B 9 2.83 -20.48 17.42
N ASP B 10 3.91 -20.34 16.66
CA ASP B 10 4.20 -21.22 15.53
C ASP B 10 3.27 -21.01 14.33
N CYS B 11 2.26 -20.15 14.49
CA CYS B 11 1.33 -19.86 13.38
C CYS B 11 2.09 -19.28 12.18
N ASP B 12 1.69 -19.65 10.97
CA ASP B 12 2.32 -19.13 9.76
C ASP B 12 1.90 -17.68 9.53
N GLN B 13 0.69 -17.37 9.99
CA GLN B 13 0.12 -16.04 9.84
C GLN B 13 -0.40 -15.48 11.18
N PHE B 14 -1.72 -15.47 11.37
CA PHE B 14 -2.32 -14.81 12.54
C PHE B 14 -2.36 -15.69 13.79
N CYS B 15 -2.28 -15.03 14.94
CA CYS B 15 -2.33 -15.74 16.22
C CYS B 15 -3.24 -15.03 17.21
N VAL B 22 -3.46 -20.99 22.37
CA VAL B 22 -3.21 -20.42 21.05
C VAL B 22 -4.32 -20.79 20.07
N VAL B 23 -4.52 -19.94 19.09
CA VAL B 23 -5.41 -20.23 17.98
C VAL B 23 -4.76 -19.59 16.77
N CYS B 24 -4.69 -20.32 15.66
CA CYS B 24 -4.11 -19.74 14.46
C CYS B 24 -5.19 -19.33 13.49
N SER B 25 -4.89 -18.32 12.70
CA SER B 25 -5.80 -17.83 11.68
C SER B 25 -4.97 -17.63 10.41
N CYS B 26 -5.65 -17.50 9.27
CA CYS B 26 -4.97 -17.13 8.04
C CYS B 26 -5.77 -16.02 7.39
N ALA B 27 -5.15 -15.32 6.44
CA ALA B 27 -5.85 -14.29 5.67
C ALA B 27 -6.74 -14.95 4.62
N ARG B 28 -7.63 -14.19 4.01
CA ARG B 28 -8.50 -14.74 2.98
C ARG B 28 -7.71 -15.33 1.82
N GLY B 29 -8.17 -16.46 1.31
CA GLY B 29 -7.45 -17.16 0.24
C GLY B 29 -6.52 -18.23 0.77
N TYR B 30 -6.61 -18.50 2.07
CA TYR B 30 -5.81 -19.52 2.74
C TYR B 30 -6.69 -20.31 3.71
N THR B 31 -6.32 -21.57 3.98
CA THR B 31 -6.89 -22.31 5.10
C THR B 31 -5.82 -22.81 6.05
N LEU B 32 -6.21 -22.96 7.31
CA LEU B 32 -5.34 -23.49 8.34
C LEU B 32 -5.11 -24.96 8.09
N ALA B 33 -3.84 -25.37 7.98
CA ALA B 33 -3.50 -26.77 7.72
C ALA B 33 -3.87 -27.66 8.91
N LYS B 37 -1.52 -24.37 12.49
CA LYS B 37 -0.13 -23.96 12.24
C LYS B 37 0.09 -23.29 10.88
N ALA B 38 0.41 -24.08 9.85
CA ALA B 38 0.68 -23.52 8.54
C ALA B 38 -0.59 -23.00 7.84
N CYS B 39 -0.39 -22.22 6.79
CA CYS B 39 -1.49 -21.69 6.00
C CYS B 39 -1.33 -22.13 4.55
N ILE B 40 -2.41 -22.65 3.97
CA ILE B 40 -2.37 -23.19 2.61
C ILE B 40 -3.29 -22.39 1.71
N PRO B 41 -2.76 -21.97 0.55
CA PRO B 41 -3.57 -21.23 -0.42
C PRO B 41 -4.77 -22.06 -0.87
N THR B 42 -5.89 -21.40 -1.13
CA THR B 42 -7.08 -22.10 -1.62
C THR B 42 -7.28 -21.88 -3.12
N GLY B 43 -6.40 -21.11 -3.73
CA GLY B 43 -6.49 -20.74 -5.13
C GLY B 43 -5.13 -20.36 -5.65
N PRO B 44 -5.03 -20.05 -6.96
CA PRO B 44 -3.75 -19.79 -7.60
C PRO B 44 -3.14 -18.43 -7.22
N TYR B 45 -3.97 -17.49 -6.77
CA TYR B 45 -3.48 -16.14 -6.45
C TYR B 45 -3.85 -15.67 -5.06
N PRO B 46 -3.35 -16.38 -4.05
CA PRO B 46 -3.69 -16.01 -2.67
C PRO B 46 -3.10 -14.66 -2.32
N CYS B 47 -3.69 -13.96 -1.34
CA CYS B 47 -3.18 -12.63 -1.03
C CYS B 47 -1.73 -12.66 -0.55
N GLY B 48 -1.02 -11.59 -0.86
CA GLY B 48 0.28 -11.35 -0.29
C GLY B 48 1.40 -12.28 -0.75
N LYS B 49 1.18 -12.95 -1.87
CA LYS B 49 2.21 -13.79 -2.46
C LYS B 49 2.62 -13.22 -3.80
N GLN B 50 3.91 -13.15 -4.06
CA GLN B 50 4.35 -12.73 -5.36
C GLN B 50 3.95 -13.81 -6.37
N THR B 51 3.51 -13.38 -7.55
CA THR B 51 2.97 -14.33 -8.54
C THR B 51 4.05 -14.94 -9.44
N LEU B 52 3.89 -16.20 -9.79
CA LEU B 52 4.82 -16.85 -10.71
C LEU B 52 4.14 -17.21 -12.03
N GLU B 53 4.89 -17.18 -13.13
CA GLU B 53 4.33 -17.43 -14.44
C GLU B 53 3.79 -18.85 -14.53
N ARG B 54 4.41 -19.78 -14.04
CL1 LZG C . 5.91 8.46 1.82
C10 LZG C . 6.28 9.86 0.85
C19 LZG C . 7.48 10.51 0.71
C13 LZG C . 7.37 11.65 -0.15
S3 LZG C . 4.99 10.59 -0.04
C2 LZG C . 6.07 11.80 -0.63
C5 LZG C . 5.54 12.81 -1.55
O24 LZG C . 4.41 12.73 -2.04
N7 LZG C . 6.30 13.92 -1.82
C6 LZG C . 5.77 14.92 -2.76
C12 LZG C . 6.90 15.86 -3.16
F32 LZG C . 7.33 15.60 -4.46
C20 LZG C . 6.33 17.26 -2.99
C18 LZG C . 4.68 15.80 -2.15
N4 LZG C . 5.33 17.10 -1.93
C22 LZG C . 4.35 18.17 -2.01
C14 LZG C . 3.62 18.26 -0.71
O27 LZG C . 2.61 18.98 -0.58
N15 LZG C . 4.12 17.49 0.40
C16 LZG C . 3.41 17.61 1.67
C17 LZG C . 2.08 17.21 1.77
F33 LZG C . 1.51 16.67 0.67
C28 LZG C . 4.03 18.17 2.79
C26 LZG C . 3.33 18.31 3.99
C9 LZG C . 1.99 17.88 4.04
C11 LZG C . 1.34 17.33 2.94
N1 LZG C . 1.25 18.08 5.25
C8 LZG C . 0.33 19.17 5.27
O25 LZG C . 0.23 19.86 4.18
C23 LZG C . -0.40 19.37 6.47
C30 LZG C . -0.24 18.58 7.58
C29 LZG C . 0.69 17.50 7.52
C21 LZG C . 1.43 17.27 6.40
CA CA D . 2.05 -0.94 -19.70
NA NA E . 15.57 11.64 4.25
NA NA F . 11.02 -0.94 15.08
NA NA G . 14.89 -6.42 -7.75
CL CL H . 6.98 19.72 -0.30
CL CL I . -3.25 11.85 17.16
#